data_5N3F
#
_entry.id   5N3F
#
_cell.length_a   58.765
_cell.length_b   72.194
_cell.length_c   108.760
_cell.angle_alpha   90.00
_cell.angle_beta   90.00
_cell.angle_gamma   90.00
#
_symmetry.space_group_name_H-M   'P 21 21 21'
#
loop_
_entity.id
_entity.type
_entity.pdbx_description
1 polymer 'cAMP-dependent protein kinase catalytic subunit alpha'
2 polymer 'cAMP dependent protein kinase inhibitor alpha-like protein'
3 non-polymer (4S)-2-METHYL-2,4-PENTANEDIOL
4 non-polymer N-[3-(aminomethyl)phenyl]acetamide
5 water water
#
loop_
_entity_poly.entity_id
_entity_poly.type
_entity_poly.pdbx_seq_one_letter_code
_entity_poly.pdbx_strand_id
1 'polypeptide(L)'
;GHMGNAAAAKKG(SEP)EQESVKEFLAKAKEEFLKKWESPSQNTAQLDHFDRIKTLGTGSFGRVMLVKHKETGNHYAMKI
LDKQKVVKLKQIEHTLNEKRILQAVNFPFLVKLEFSFKDNSNLYMVMEYVPGGEMFSHLRRIGRF(SEP)EPHARFYAAQ
IVLTFEYLHSLDLIYRDLKPENLLIDQQGYIQVTDFGFAKRVKGRTW(TPO)LCGTPEYLAPEIILSKGYNKAVDWWALG
VLIYEMAAGYPPFFADQPIQIYEKIVSGKVRFPSHFSSDLKDLLRNLLQVDLTKRFGNLKNGVNDIKNHKWFATTDWIAI
YQRKVEAPFIPKFKGPGDTSNFDDYEEEEIRV(SEP)INEKCGKEFTEF
;
A
2 'polypeptide(L)' IAAGRTGRRQAIHDILVAA B
#
# COMPACT_ATOMS: atom_id res chain seq x y z
N LYS A 10 -22.92 22.03 -2.23
CA LYS A 10 -22.77 20.59 -2.40
C LYS A 10 -21.36 20.08 -2.13
N LYS A 11 -20.36 20.66 -2.80
CA LYS A 11 -18.99 20.32 -2.43
C LYS A 11 -18.72 20.73 -0.98
N GLY A 12 -19.34 21.82 -0.52
CA GLY A 12 -19.25 22.21 0.88
C GLY A 12 -19.83 21.17 1.83
N GLU A 14 -20.10 17.93 1.07
CA GLU A 14 -19.19 16.79 0.99
C GLU A 14 -17.94 17.00 1.88
N GLN A 15 -17.38 18.22 1.89
CA GLN A 15 -16.21 18.49 2.72
C GLN A 15 -16.53 18.41 4.21
N GLU A 16 -17.68 18.92 4.62
CA GLU A 16 -18.07 18.79 6.02
C GLU A 16 -18.25 17.32 6.38
N SER A 17 -18.75 16.49 5.44
CA SER A 17 -18.98 15.09 5.81
C SER A 17 -17.64 14.36 5.94
N VAL A 18 -16.64 14.73 5.12
CA VAL A 18 -15.31 14.13 5.28
C VAL A 18 -14.72 14.51 6.63
N LYS A 19 -14.89 15.80 7.02
CA LYS A 19 -14.39 16.26 8.31
C LYS A 19 -14.99 15.44 9.44
N GLU A 20 -16.30 15.22 9.35
CA GLU A 20 -17.02 14.47 10.37
C GLU A 20 -16.51 13.03 10.47
N PHE A 21 -16.38 12.38 9.32
CA PHE A 21 -15.91 10.98 9.28
C PHE A 21 -14.50 10.87 9.87
N LEU A 22 -13.63 11.79 9.50
CA LEU A 22 -12.25 11.71 10.02
C LEU A 22 -12.15 12.00 11.50
N ALA A 23 -13.00 12.89 12.02
CA ALA A 23 -12.98 13.12 13.46
C ALA A 23 -13.40 11.86 14.21
N LYS A 24 -14.45 11.17 13.72
CA LYS A 24 -14.89 9.94 14.37
C LYS A 24 -13.84 8.85 14.22
N ALA A 25 -13.21 8.75 13.04
CA ALA A 25 -12.18 7.75 12.83
C ALA A 25 -11.00 7.96 13.75
N LYS A 26 -10.63 9.22 14.01
CA LYS A 26 -9.51 9.48 14.92
C LYS A 26 -9.85 9.11 16.36
N GLU A 27 -11.08 9.40 16.81
CA GLU A 27 -11.48 8.96 18.15
C GLU A 27 -11.35 7.44 18.31
N GLU A 28 -11.88 6.66 17.34
CA GLU A 28 -11.79 5.21 17.40
C GLU A 28 -10.35 4.73 17.33
N PHE A 29 -9.55 5.32 16.45
CA PHE A 29 -8.14 4.91 16.37
C PHE A 29 -7.41 5.13 17.69
N LEU A 30 -7.64 6.29 18.33
CA LEU A 30 -6.84 6.61 19.52
C LEU A 30 -7.14 5.66 20.67
N LYS A 31 -8.41 5.23 20.79
CA LYS A 31 -8.76 4.25 21.82
C LYS A 31 -7.90 2.99 21.67
N LYS A 32 -7.75 2.49 20.43
CA LYS A 32 -6.98 1.28 20.23
C LYS A 32 -5.47 1.52 20.24
N TRP A 33 -5.03 2.71 19.87
CA TRP A 33 -3.61 3.00 19.79
C TRP A 33 -2.97 3.05 21.16
N GLU A 34 -3.71 3.56 22.15
CA GLU A 34 -3.20 3.69 23.51
C GLU A 34 -3.35 2.40 24.29
N SER A 35 -4.33 1.56 23.96
CA SER A 35 -4.57 0.31 24.68
C SER A 35 -4.60 -0.86 23.70
N PRO A 36 -3.43 -1.29 23.19
CA PRO A 36 -3.37 -2.35 22.17
C PRO A 36 -3.75 -3.72 22.70
N THR A 40 -4.49 -12.57 20.81
CA THR A 40 -3.35 -13.48 20.71
C THR A 40 -3.75 -14.93 20.37
N ALA A 41 -2.75 -15.80 20.22
CA ALA A 41 -2.91 -17.19 19.77
C ALA A 41 -1.53 -17.84 19.90
N GLN A 42 -1.39 -19.09 19.44
CA GLN A 42 -0.07 -19.70 19.40
C GLN A 42 0.11 -20.51 18.13
N LEU A 43 1.38 -20.83 17.82
CA LEU A 43 1.74 -21.35 16.50
C LEU A 43 1.05 -22.67 16.21
N ASP A 44 0.96 -23.55 17.23
CA ASP A 44 0.35 -24.85 17.06
C ASP A 44 -1.16 -24.79 16.85
N HIS A 45 -1.76 -23.60 16.87
CA HIS A 45 -3.17 -23.46 16.56
C HIS A 45 -3.44 -23.47 15.06
N PHE A 46 -2.40 -23.55 14.24
CA PHE A 46 -2.54 -23.39 12.80
C PHE A 46 -1.76 -24.49 12.09
N ASP A 47 -2.31 -24.95 10.97
CA ASP A 47 -1.57 -25.77 10.01
C ASP A 47 -0.96 -24.86 8.98
N ARG A 48 0.35 -24.99 8.73
CA ARG A 48 0.93 -24.14 7.68
C ARG A 48 0.72 -24.81 6.33
N ILE A 49 0.28 -24.03 5.35
CA ILE A 49 -0.12 -24.56 4.05
C ILE A 49 0.91 -24.24 2.96
N LYS A 50 1.21 -22.95 2.74
CA LYS A 50 1.99 -22.56 1.57
C LYS A 50 2.51 -21.14 1.76
N THR A 51 3.74 -20.89 1.31
CA THR A 51 4.29 -19.53 1.33
C THR A 51 3.68 -18.67 0.22
N LEU A 52 3.15 -17.51 0.61
CA LEU A 52 2.45 -16.62 -0.31
C LEU A 52 3.33 -15.49 -0.83
N GLY A 53 4.44 -15.25 -0.15
CA GLY A 53 5.29 -14.10 -0.43
C GLY A 53 6.46 -14.12 0.53
N THR A 54 7.55 -13.48 0.11
CA THR A 54 8.79 -13.59 0.87
C THR A 54 9.65 -12.36 0.61
N GLY A 55 10.50 -12.05 1.58
CA GLY A 55 11.31 -10.84 1.51
C GLY A 55 12.29 -10.81 2.65
N SER A 56 13.04 -9.72 2.73
CA SER A 56 14.06 -9.56 3.75
C SER A 56 13.44 -9.21 5.09
N ARG A 59 8.60 -13.92 5.67
CA ARG A 59 7.69 -14.59 4.74
C ARG A 59 6.26 -14.52 5.25
N VAL A 60 5.31 -14.58 4.33
CA VAL A 60 3.89 -14.70 4.65
C VAL A 60 3.42 -16.05 4.16
N MET A 61 2.75 -16.81 5.03
CA MET A 61 2.24 -18.12 4.68
C MET A 61 0.73 -18.16 4.80
N LEU A 62 0.09 -18.86 3.87
CA LEU A 62 -1.27 -19.31 4.11
C LEU A 62 -1.27 -20.33 5.24
N VAL A 63 -2.14 -20.13 6.25
CA VAL A 63 -2.30 -21.10 7.31
C VAL A 63 -3.79 -21.40 7.48
N LYS A 64 -4.07 -22.50 8.17
CA LYS A 64 -5.45 -22.89 8.44
C LYS A 64 -5.59 -23.05 9.94
N HIS A 65 -6.49 -22.27 10.54
CA HIS A 65 -6.74 -22.39 11.97
C HIS A 65 -7.36 -23.75 12.28
N LYS A 66 -6.74 -24.50 13.21
CA LYS A 66 -7.13 -25.88 13.44
C LYS A 66 -8.55 -25.98 14.00
N GLU A 67 -8.90 -25.13 14.96
CA GLU A 67 -10.24 -25.20 15.56
C GLU A 67 -11.32 -24.84 14.55
N THR A 68 -11.28 -23.61 14.02
CA THR A 68 -12.37 -23.10 13.20
C THR A 68 -12.26 -23.49 11.73
N GLY A 69 -11.10 -23.95 11.27
CA GLY A 69 -10.90 -24.18 9.85
C GLY A 69 -10.74 -22.92 9.02
N ASN A 70 -10.74 -21.73 9.64
CA ASN A 70 -10.61 -20.52 8.87
C ASN A 70 -9.17 -20.38 8.36
N HIS A 71 -9.05 -19.82 7.16
CA HIS A 71 -7.76 -19.56 6.55
C HIS A 71 -7.32 -18.15 6.88
N TYR A 72 -6.00 -17.99 7.05
CA TYR A 72 -5.41 -16.70 7.32
C TYR A 72 -4.08 -16.58 6.61
N ALA A 73 -3.58 -15.35 6.51
CA ALA A 73 -2.24 -15.08 6.01
C ALA A 73 -1.37 -14.76 7.22
N MET A 74 -0.39 -15.60 7.50
CA MET A 74 0.45 -15.43 8.68
C MET A 74 1.82 -14.88 8.29
N LYS A 75 2.14 -13.68 8.76
CA LYS A 75 3.45 -13.10 8.54
C LYS A 75 4.36 -13.57 9.66
N ILE A 76 5.50 -14.17 9.28
CA ILE A 76 6.48 -14.73 10.21
C ILE A 76 7.75 -13.90 10.10
N LEU A 77 8.16 -13.29 11.21
CA LEU A 77 9.38 -12.49 11.25
C LEU A 77 10.40 -13.22 12.13
N ASP A 78 11.54 -13.58 11.54
CA ASP A 78 12.64 -14.25 12.22
C ASP A 78 13.41 -13.23 13.07
N LYS A 79 13.39 -13.42 14.39
CA LYS A 79 14.20 -12.57 15.26
C LYS A 79 15.69 -12.63 14.89
N GLN A 80 16.17 -13.73 14.30
CA GLN A 80 17.58 -13.80 13.89
C GLN A 80 17.86 -12.97 12.65
N LYS A 81 16.84 -12.58 11.89
CA LYS A 81 17.01 -11.69 10.75
C LYS A 81 16.73 -10.23 11.10
N VAL A 82 15.66 -9.95 11.83
CA VAL A 82 15.38 -8.58 12.23
C VAL A 82 16.47 -8.16 13.20
N VAL A 83 17.66 -7.93 12.67
CA VAL A 83 18.81 -7.52 13.47
C VAL A 83 19.12 -6.03 13.34
N LYS A 84 18.72 -5.39 12.24
CA LYS A 84 19.00 -3.97 12.05
C LYS A 84 18.22 -3.13 13.05
N LEU A 85 18.76 -1.94 13.37
CA LEU A 85 18.07 -1.07 14.33
C LEU A 85 16.67 -0.70 13.82
N GLN A 87 14.91 -1.99 11.55
CA GLN A 87 14.15 -3.24 11.56
C GLN A 87 13.25 -3.44 12.82
N ILE A 88 13.83 -3.29 14.01
CA ILE A 88 13.10 -3.58 15.24
C ILE A 88 11.98 -2.55 15.50
N GLU A 89 12.31 -1.24 15.49
CA GLU A 89 11.28 -0.22 15.64
C GLU A 89 10.18 -0.40 14.59
N HIS A 90 10.58 -0.70 13.37
CA HIS A 90 9.59 -0.81 12.29
C HIS A 90 8.63 -1.96 12.56
N THR A 91 9.11 -3.05 13.15
CA THR A 91 8.21 -4.16 13.46
C THR A 91 7.20 -3.77 14.52
N LEU A 92 7.62 -3.02 15.55
CA LEU A 92 6.64 -2.54 16.53
C LEU A 92 5.66 -1.55 15.92
N ASN A 93 6.13 -0.71 14.99
CA ASN A 93 5.21 0.20 14.30
C ASN A 93 4.11 -0.59 13.60
N GLU A 94 4.51 -1.60 12.85
CA GLU A 94 3.60 -2.40 12.05
C GLU A 94 2.49 -3.03 12.90
N LYS A 95 2.85 -3.69 13.99
CA LYS A 95 1.87 -4.38 14.82
C LYS A 95 0.93 -3.39 15.48
N ARG A 96 1.48 -2.29 16.01
CA ARG A 96 0.66 -1.35 16.75
C ARG A 96 -0.31 -0.62 15.82
N ILE A 97 0.17 -0.27 14.63
CA ILE A 97 -0.69 0.42 13.69
C ILE A 97 -1.78 -0.51 13.19
N LEU A 98 -1.41 -1.73 12.81
CA LEU A 98 -2.41 -2.61 12.24
C LEU A 98 -3.49 -2.96 13.25
N GLN A 99 -3.12 -3.03 14.54
CA GLN A 99 -4.16 -3.36 15.49
C GLN A 99 -5.11 -2.18 15.75
N ALA A 100 -4.74 -0.94 15.38
CA ALA A 100 -5.52 0.24 15.73
C ALA A 100 -6.34 0.82 14.57
N VAL A 101 -6.00 0.51 13.31
CA VAL A 101 -6.74 1.11 12.18
C VAL A 101 -7.96 0.27 11.77
N ASN A 102 -8.85 0.86 10.97
CA ASN A 102 -10.10 0.20 10.56
C ASN A 102 -10.55 0.96 9.32
N PHE A 103 -10.39 0.38 8.13
CA PHE A 103 -10.76 1.07 6.89
C PHE A 103 -11.00 -0.01 5.85
N PRO A 104 -11.89 0.22 4.88
CA PRO A 104 -12.30 -0.88 3.99
C PRO A 104 -11.19 -1.46 3.15
N PHE A 105 -10.15 -0.67 2.90
CA PHE A 105 -9.10 -1.10 1.98
C PHE A 105 -7.79 -1.42 2.70
N LEU A 106 -7.83 -1.60 4.02
CA LEU A 106 -6.67 -1.98 4.81
C LEU A 106 -6.86 -3.41 5.29
N VAL A 107 -5.82 -4.24 5.14
CA VAL A 107 -5.93 -5.62 5.64
C VAL A 107 -6.16 -5.65 7.14
N LYS A 108 -6.96 -6.61 7.59
CA LYS A 108 -7.30 -6.71 8.99
C LYS A 108 -6.36 -7.68 9.70
N LEU A 109 -5.78 -7.22 10.80
CA LEU A 109 -5.02 -8.08 11.71
C LEU A 109 -5.96 -8.78 12.67
N GLU A 110 -5.78 -10.09 12.80
CA GLU A 110 -6.61 -10.95 13.64
C GLU A 110 -5.91 -11.38 14.91
N PHE A 111 -4.70 -11.95 14.81
CA PHE A 111 -3.95 -12.38 15.99
C PHE A 111 -2.51 -11.93 15.86
N SER A 112 -1.83 -11.86 17.01
CA SER A 112 -0.39 -11.67 16.97
C SER A 112 0.18 -12.34 18.20
N PHE A 113 1.35 -12.97 18.03
CA PHE A 113 2.01 -13.63 19.15
C PHE A 113 3.50 -13.78 18.82
N LYS A 114 4.26 -14.31 19.78
CA LYS A 114 5.68 -14.46 19.53
C LYS A 114 6.15 -15.74 20.22
N ASP A 115 7.31 -16.23 19.80
CA ASP A 115 7.94 -17.35 20.52
C ASP A 115 9.44 -17.10 20.59
N ASN A 116 10.21 -18.14 20.93
CA ASN A 116 11.62 -17.88 21.13
C ASN A 116 12.35 -17.56 19.83
N SER A 117 11.76 -17.89 18.67
CA SER A 117 12.41 -17.69 17.39
C SER A 117 11.82 -16.55 16.58
N ASN A 118 10.50 -16.35 16.64
CA ASN A 118 9.80 -15.55 15.65
C ASN A 118 8.74 -14.64 16.28
N LEU A 119 8.37 -13.61 15.54
CA LEU A 119 7.14 -12.87 15.76
C LEU A 119 6.13 -13.23 14.67
N TYR A 120 4.85 -13.25 15.03
CA TYR A 120 3.78 -13.65 14.11
C TYR A 120 2.65 -12.62 14.12
N MET A 121 2.22 -12.20 12.92
CA MET A 121 1.02 -11.41 12.76
C MET A 121 0.10 -12.18 11.81
N VAL A 122 -1.11 -12.48 12.28
CA VAL A 122 -2.06 -13.29 11.53
C VAL A 122 -3.17 -12.36 11.04
N MET A 123 -3.30 -12.24 9.72
CA MET A 123 -4.23 -11.33 9.08
C MET A 123 -5.22 -12.12 8.27
N GLU A 124 -6.28 -11.43 7.86
CA GLU A 124 -7.24 -12.00 6.93
C GLU A 124 -6.53 -12.41 5.64
N TYR A 125 -6.90 -13.57 5.12
CA TYR A 125 -6.36 -14.02 3.83
C TYR A 125 -7.16 -13.40 2.70
N VAL A 126 -6.47 -12.75 1.75
CA VAL A 126 -7.07 -12.08 0.62
C VAL A 126 -6.66 -12.89 -0.61
N PRO A 127 -7.54 -13.69 -1.18
CA PRO A 127 -7.05 -14.76 -2.07
C PRO A 127 -6.89 -14.35 -3.52
N GLY A 128 -7.19 -13.08 -3.87
CA GLY A 128 -7.16 -12.64 -5.26
C GLY A 128 -5.76 -12.44 -5.82
N GLY A 129 -4.74 -12.50 -4.96
CA GLY A 129 -3.36 -12.28 -5.39
C GLY A 129 -2.97 -10.80 -5.38
N GLU A 130 -1.69 -10.58 -5.70
CA GLU A 130 -1.14 -9.20 -5.74
C GLU A 130 -1.52 -8.51 -7.02
N MET A 131 -1.77 -7.22 -6.91
CA MET A 131 -1.95 -6.42 -8.13
C MET A 131 -0.75 -6.62 -9.05
N PHE A 132 0.43 -6.74 -8.45
CA PHE A 132 1.65 -6.89 -9.23
C PHE A 132 1.55 -8.00 -10.27
N SER A 133 1.09 -9.19 -9.88
N SER A 133 1.10 -9.20 -9.83
CA SER A 133 1.12 -10.27 -10.87
CA SER A 133 0.99 -10.34 -10.75
C SER A 133 0.04 -10.07 -11.95
C SER A 133 0.05 -10.03 -11.91
N HIS A 134 -1.12 -9.52 -11.56
CA HIS A 134 -2.15 -9.25 -12.58
C HIS A 134 -1.66 -8.20 -13.53
N LEU A 135 -0.96 -7.16 -13.02
CA LEU A 135 -0.49 -6.12 -13.90
C LEU A 135 0.60 -6.64 -14.84
N ARG A 136 1.55 -7.44 -14.29
CA ARG A 136 2.62 -7.91 -15.17
C ARG A 136 2.08 -8.89 -16.19
N ARG A 137 1.00 -9.59 -15.87
CA ARG A 137 0.45 -10.58 -16.79
C ARG A 137 -0.30 -9.91 -17.95
N ILE A 138 -1.11 -8.89 -17.64
CA ILE A 138 -1.88 -8.24 -18.71
C ILE A 138 -1.11 -7.13 -19.37
N GLY A 139 -0.06 -6.62 -18.72
CA GLY A 139 0.76 -5.58 -19.31
C GLY A 139 0.47 -4.24 -18.70
N ARG A 140 -0.71 -3.68 -18.96
CA ARG A 140 -1.06 -2.45 -18.28
C ARG A 140 -2.57 -2.44 -18.09
N PHE A 141 -3.03 -1.53 -17.25
CA PHE A 141 -4.45 -1.36 -17.04
C PHE A 141 -4.93 -0.15 -17.80
N GLU A 143 -7.09 3.36 -18.46
CA GLU A 143 -7.17 4.41 -17.42
C GLU A 143 -8.36 4.27 -16.46
N PRO A 144 -9.53 3.83 -16.91
CA PRO A 144 -10.63 3.69 -15.93
C PRO A 144 -10.33 2.62 -14.91
N HIS A 145 -9.66 1.54 -15.34
CA HIS A 145 -9.27 0.45 -14.44
C HIS A 145 -8.24 0.96 -13.43
N ALA A 146 -7.20 1.64 -13.93
CA ALA A 146 -6.22 2.20 -13.01
C ALA A 146 -6.87 3.20 -12.05
N ARG A 147 -7.83 3.99 -12.55
N ARG A 147 -7.80 4.01 -12.54
CA ARG A 147 -8.49 5.04 -11.77
CA ARG A 147 -8.42 5.03 -11.71
C ARG A 147 -9.27 4.46 -10.61
C ARG A 147 -9.20 4.40 -10.55
N PHE A 148 -9.90 3.29 -10.83
CA PHE A 148 -10.65 2.62 -9.77
C PHE A 148 -9.74 2.20 -8.64
N TYR A 149 -8.55 1.67 -8.97
CA TYR A 149 -7.60 1.29 -7.90
C TYR A 149 -7.03 2.55 -7.26
N ALA A 150 -6.70 3.57 -8.07
CA ALA A 150 -6.06 4.76 -7.50
C ALA A 150 -7.00 5.44 -6.51
N ALA A 151 -8.30 5.48 -6.83
CA ALA A 151 -9.28 6.11 -5.92
C ALA A 151 -9.24 5.45 -4.55
N GLN A 152 -9.08 4.13 -4.51
CA GLN A 152 -9.04 3.48 -3.20
C GLN A 152 -7.80 3.88 -2.42
N ILE A 153 -6.65 4.00 -3.12
CA ILE A 153 -5.45 4.45 -2.42
C ILE A 153 -5.61 5.89 -1.92
N VAL A 154 -6.19 6.76 -2.75
CA VAL A 154 -6.38 8.15 -2.32
C VAL A 154 -7.16 8.17 -1.03
N LEU A 155 -8.28 7.44 -0.98
CA LEU A 155 -9.08 7.44 0.25
C LEU A 155 -8.34 6.80 1.43
N THR A 156 -7.60 5.72 1.19
CA THR A 156 -6.80 5.09 2.26
C THR A 156 -5.75 6.04 2.82
N PHE A 157 -5.05 6.78 1.94
CA PHE A 157 -4.06 7.74 2.45
C PHE A 157 -4.76 8.91 3.14
N GLU A 158 -5.92 9.37 2.60
CA GLU A 158 -6.62 10.44 3.36
C GLU A 158 -6.93 9.97 4.76
N TYR A 159 -7.37 8.72 4.90
CA TYR A 159 -7.61 8.16 6.23
C TYR A 159 -6.33 8.06 7.05
N LEU A 160 -5.31 7.39 6.53
CA LEU A 160 -4.09 7.19 7.31
C LEU A 160 -3.44 8.52 7.70
N HIS A 161 -3.33 9.46 6.74
CA HIS A 161 -2.64 10.71 7.05
C HIS A 161 -3.39 11.52 8.09
N SER A 162 -4.71 11.37 8.14
CA SER A 162 -5.51 12.13 9.11
C SER A 162 -5.16 11.68 10.53
N LEU A 163 -4.68 10.45 10.64
CA LEU A 163 -4.24 9.85 11.90
C LEU A 163 -2.75 10.07 12.14
N ASP A 164 -2.13 10.90 11.31
CA ASP A 164 -0.66 11.15 11.32
C ASP A 164 0.15 9.90 11.04
N LEU A 165 -0.40 8.98 10.23
CA LEU A 165 0.32 7.79 9.81
C LEU A 165 0.82 7.97 8.39
N ILE A 166 2.11 7.70 8.17
CA ILE A 166 2.65 7.67 6.81
C ILE A 166 2.86 6.19 6.44
N TYR A 167 2.58 5.83 5.18
CA TYR A 167 2.59 4.39 4.84
C TYR A 167 3.97 3.90 4.37
N ARG A 168 4.56 4.64 3.44
CA ARG A 168 5.96 4.57 3.01
C ARG A 168 6.35 3.31 2.26
N ASP A 169 5.42 2.49 1.75
CA ASP A 169 5.87 1.40 0.85
C ASP A 169 4.79 1.07 -0.20
N LEU A 170 4.17 2.11 -0.77
CA LEU A 170 3.16 1.84 -1.82
C LEU A 170 3.87 1.25 -3.03
N LYS A 171 3.32 0.17 -3.57
CA LYS A 171 3.76 -0.45 -4.85
C LYS A 171 2.79 -1.59 -5.13
N PRO A 172 2.70 -2.09 -6.38
CA PRO A 172 1.70 -3.12 -6.67
C PRO A 172 1.91 -4.43 -5.90
N GLU A 173 3.15 -4.74 -5.52
CA GLU A 173 3.43 -5.94 -4.73
C GLU A 173 2.67 -5.95 -3.42
N ASN A 174 2.36 -4.78 -2.90
CA ASN A 174 1.77 -4.68 -1.58
C ASN A 174 0.27 -4.46 -1.62
N LEU A 175 -0.35 -4.57 -2.79
CA LEU A 175 -1.78 -4.33 -2.95
C LEU A 175 -2.44 -5.65 -3.35
N LEU A 176 -3.24 -6.23 -2.48
CA LEU A 176 -3.90 -7.48 -2.83
C LEU A 176 -5.31 -7.19 -3.35
N ILE A 177 -5.79 -8.07 -4.24
CA ILE A 177 -7.12 -7.92 -4.81
C ILE A 177 -8.07 -8.85 -4.08
N ASP A 178 -9.18 -8.32 -3.57
CA ASP A 178 -10.05 -9.20 -2.79
C ASP A 178 -11.13 -9.82 -3.67
N GLN A 179 -12.07 -10.55 -3.04
CA GLN A 179 -13.06 -11.30 -3.81
C GLN A 179 -14.07 -10.44 -4.52
N GLN A 180 -14.18 -9.15 -4.19
N GLN A 180 -14.16 -9.15 -4.20
CA GLN A 180 -15.03 -8.20 -4.88
CA GLN A 180 -15.03 -8.22 -4.90
C GLN A 180 -14.28 -7.42 -5.97
C GLN A 180 -14.27 -7.36 -5.89
N GLY A 181 -12.98 -7.65 -6.09
CA GLY A 181 -12.13 -6.93 -7.01
C GLY A 181 -11.59 -5.63 -6.46
N TYR A 182 -11.78 -5.39 -5.17
CA TYR A 182 -11.24 -4.20 -4.53
C TYR A 182 -9.87 -4.48 -3.94
N ILE A 183 -9.20 -3.38 -3.54
N ILE A 183 -9.16 -3.39 -3.62
CA ILE A 183 -7.83 -3.37 -3.01
CA ILE A 183 -7.79 -3.48 -3.09
C ILE A 183 -7.82 -3.70 -1.53
C ILE A 183 -7.79 -3.68 -1.58
N GLN A 184 -6.82 -4.48 -1.10
CA GLN A 184 -6.48 -4.57 0.33
C GLN A 184 -5.02 -4.17 0.44
N VAL A 185 -4.73 -3.08 1.15
CA VAL A 185 -3.33 -2.68 1.35
C VAL A 185 -2.72 -3.56 2.44
N THR A 186 -1.55 -4.13 2.15
N THR A 186 -1.57 -4.17 2.14
CA THR A 186 -0.88 -5.00 3.11
CA THR A 186 -0.88 -5.02 3.12
C THR A 186 0.58 -4.56 3.26
C THR A 186 0.48 -4.41 3.44
N ASP A 187 1.23 -5.12 4.26
CA ASP A 187 2.60 -4.81 4.59
C ASP A 187 2.78 -3.40 5.13
N PHE A 188 2.49 -3.26 6.42
CA PHE A 188 2.70 -1.99 7.10
C PHE A 188 4.06 -1.90 7.75
N GLY A 189 5.02 -2.65 7.20
CA GLY A 189 6.33 -2.73 7.85
C GLY A 189 7.07 -1.41 7.93
N PHE A 190 6.84 -0.48 7.00
CA PHE A 190 7.44 0.86 7.14
C PHE A 190 6.48 1.95 7.58
N ALA A 191 5.24 1.60 7.93
CA ALA A 191 4.30 2.63 8.33
C ALA A 191 4.67 3.19 9.68
N LYS A 192 4.45 4.48 9.85
CA LYS A 192 4.92 5.13 11.08
C LYS A 192 4.00 6.28 11.44
N ARG A 193 3.79 6.49 12.75
CA ARG A 193 3.06 7.69 13.17
C ARG A 193 4.06 8.83 13.32
N VAL A 194 3.80 9.93 12.61
CA VAL A 194 4.78 11.00 12.40
C VAL A 194 3.98 12.30 12.56
N LYS A 195 4.29 13.08 13.61
CA LYS A 195 3.51 14.32 13.76
C LYS A 195 4.02 15.45 12.89
N GLY A 196 5.28 15.44 12.50
CA GLY A 196 5.86 16.44 11.63
C GLY A 196 6.68 15.79 10.53
N ARG A 197 7.99 15.66 10.75
CA ARG A 197 8.89 15.04 9.78
C ARG A 197 9.52 13.78 10.39
N THR A 198 10.09 12.95 9.51
CA THR A 198 10.85 11.78 9.99
C THR A 198 12.04 11.63 9.06
N TRP A 199 12.98 10.77 9.43
CA TRP A 199 14.28 10.80 8.75
C TRP A 199 14.81 9.45 8.28
N LEU A 201 15.91 6.45 6.10
CA LEU A 201 15.97 6.13 4.67
C LEU A 201 15.39 4.73 4.47
N CYS A 202 14.18 4.65 3.89
CA CYS A 202 13.48 3.39 3.74
C CYS A 202 12.39 3.53 2.65
N GLY A 203 12.00 2.38 2.11
CA GLY A 203 11.03 2.30 1.02
C GLY A 203 11.58 1.39 -0.07
N THR A 204 10.97 1.49 -1.24
CA THR A 204 11.42 0.71 -2.39
C THR A 204 11.95 1.66 -3.45
N PRO A 205 13.13 1.41 -4.00
CA PRO A 205 13.81 2.40 -4.85
C PRO A 205 12.92 3.08 -5.89
N GLU A 206 12.18 2.32 -6.72
CA GLU A 206 11.41 2.97 -7.79
C GLU A 206 10.35 3.93 -7.27
N TYR A 207 9.94 3.79 -6.02
CA TYR A 207 8.82 4.53 -5.46
C TYR A 207 9.29 5.61 -4.49
N LEU A 208 10.60 5.75 -4.26
CA LEU A 208 11.07 6.78 -3.30
C LEU A 208 10.91 8.20 -3.83
N ALA A 209 10.39 9.11 -2.98
CA ALA A 209 10.38 10.53 -3.30
C ALA A 209 11.82 11.09 -3.28
N PRO A 210 12.09 12.15 -4.03
CA PRO A 210 13.44 12.74 -4.05
C PRO A 210 13.95 13.11 -2.67
N GLU A 211 13.07 13.64 -1.83
CA GLU A 211 13.54 14.09 -0.52
C GLU A 211 14.01 12.91 0.34
N ILE A 212 13.47 11.70 0.13
CA ILE A 212 14.02 10.57 0.87
C ILE A 212 15.46 10.26 0.41
N ILE A 213 15.63 10.16 -0.92
CA ILE A 213 16.96 9.87 -1.51
C ILE A 213 17.99 10.90 -1.12
N LEU A 214 17.54 12.16 -1.01
CA LEU A 214 18.48 13.24 -0.68
C LEU A 214 18.74 13.38 0.83
N SER A 215 18.25 12.43 1.63
CA SER A 215 18.58 12.41 3.08
C SER A 215 18.03 13.66 3.76
N LYS A 216 16.88 14.16 3.25
CA LYS A 216 16.15 15.28 3.86
C LYS A 216 15.06 14.73 4.77
N GLY A 217 14.87 15.34 5.93
CA GLY A 217 13.67 15.02 6.69
C GLY A 217 12.42 15.24 5.84
N TYR A 218 11.44 14.32 5.98
CA TYR A 218 10.30 14.32 5.07
C TYR A 218 9.01 13.99 5.79
N ASN A 219 7.88 14.15 5.09
CA ASN A 219 6.59 14.01 5.73
C ASN A 219 5.68 13.18 4.81
N LYS A 220 4.36 13.28 5.07
CA LYS A 220 3.45 12.40 4.36
C LYS A 220 3.42 12.66 2.85
N ALA A 221 3.98 13.78 2.39
CA ALA A 221 4.00 14.01 0.94
C ALA A 221 4.76 12.93 0.19
N VAL A 222 5.61 12.14 0.87
CA VAL A 222 6.26 11.06 0.10
C VAL A 222 5.25 10.02 -0.35
N ASP A 223 4.16 9.87 0.40
CA ASP A 223 3.12 8.91 -0.03
C ASP A 223 2.40 9.41 -1.29
N TRP A 224 2.22 10.73 -1.40
CA TRP A 224 1.56 11.28 -2.61
C TRP A 224 2.46 11.16 -3.81
N TRP A 225 3.77 11.38 -3.64
CA TRP A 225 4.69 11.10 -4.73
C TRP A 225 4.54 9.63 -5.13
N ALA A 226 4.53 8.76 -4.14
CA ALA A 226 4.48 7.33 -4.49
C ALA A 226 3.17 6.96 -5.18
N LEU A 227 2.06 7.64 -4.84
CA LEU A 227 0.82 7.43 -5.62
C LEU A 227 1.03 7.81 -7.09
N GLY A 228 1.76 8.89 -7.34
CA GLY A 228 2.08 9.23 -8.74
C GLY A 228 2.83 8.10 -9.45
N VAL A 229 3.83 7.52 -8.77
CA VAL A 229 4.55 6.39 -9.37
C VAL A 229 3.59 5.24 -9.64
N LEU A 230 2.72 4.93 -8.66
CA LEU A 230 1.81 3.78 -8.82
C LEU A 230 0.81 3.98 -9.96
N ILE A 231 0.23 5.17 -10.06
CA ILE A 231 -0.73 5.43 -11.15
C ILE A 231 -0.02 5.32 -12.49
N TYR A 232 1.19 5.93 -12.58
CA TYR A 232 1.96 5.78 -13.82
C TYR A 232 2.20 4.30 -14.13
N GLU A 233 2.68 3.54 -13.14
CA GLU A 233 2.98 2.13 -13.44
C GLU A 233 1.73 1.35 -13.81
N MET A 234 0.62 1.61 -13.15
CA MET A 234 -0.61 0.87 -13.49
C MET A 234 -1.02 1.18 -14.93
N ALA A 235 -0.91 2.44 -15.31
CA ALA A 235 -1.39 2.81 -16.64
C ALA A 235 -0.38 2.58 -17.74
N ALA A 236 0.93 2.52 -17.43
CA ALA A 236 1.94 2.28 -18.46
C ALA A 236 2.38 0.83 -18.53
N GLY A 237 2.35 0.17 -17.39
CA GLY A 237 2.94 -1.18 -17.20
C GLY A 237 4.35 -1.19 -16.71
N TYR A 238 4.96 -0.02 -16.50
CA TYR A 238 6.31 0.11 -15.96
C TYR A 238 6.32 1.43 -15.23
N PRO A 239 7.19 1.59 -14.24
CA PRO A 239 7.23 2.83 -13.48
C PRO A 239 7.99 3.92 -14.20
N PRO A 240 7.87 5.16 -13.72
CA PRO A 240 8.41 6.31 -14.47
C PRO A 240 9.91 6.44 -14.37
N PHE A 241 10.53 5.87 -13.34
CA PHE A 241 11.97 5.99 -13.11
C PHE A 241 12.48 4.55 -13.05
N PHE A 242 13.07 4.10 -14.16
CA PHE A 242 13.18 2.68 -14.50
C PHE A 242 14.62 2.48 -14.91
N ALA A 243 15.37 1.68 -14.17
CA ALA A 243 16.75 1.37 -14.53
C ALA A 243 17.14 0.06 -13.85
N ASP A 244 18.27 -0.50 -14.27
CA ASP A 244 18.67 -1.81 -13.74
C ASP A 244 19.17 -1.74 -12.32
N GLN A 245 19.82 -0.63 -11.93
CA GLN A 245 20.43 -0.54 -10.61
C GLN A 245 19.80 0.60 -9.78
N PRO A 246 19.60 0.42 -8.47
CA PRO A 246 19.07 1.53 -7.65
C PRO A 246 19.76 2.88 -7.85
N ILE A 247 21.08 2.96 -8.02
CA ILE A 247 21.67 4.30 -8.11
C ILE A 247 21.24 5.01 -9.38
N GLN A 248 21.03 4.27 -10.47
CA GLN A 248 20.55 4.90 -11.69
C GLN A 248 19.11 5.39 -11.52
N ILE A 249 18.32 4.61 -10.79
CA ILE A 249 16.92 5.00 -10.48
C ILE A 249 16.91 6.32 -9.72
N TYR A 250 17.78 6.42 -8.70
CA TYR A 250 17.79 7.61 -7.84
C TYR A 250 18.17 8.86 -8.63
N GLU A 251 19.13 8.72 -9.56
CA GLU A 251 19.50 9.85 -10.39
C GLU A 251 18.32 10.30 -11.23
N LYS A 252 17.51 9.35 -11.75
CA LYS A 252 16.36 9.73 -12.53
C LYS A 252 15.31 10.42 -11.67
N ILE A 253 15.10 9.93 -10.47
CA ILE A 253 14.07 10.51 -9.60
C ILE A 253 14.41 11.97 -9.28
N VAL A 254 15.66 12.25 -8.92
CA VAL A 254 15.98 13.59 -8.45
C VAL A 254 16.07 14.60 -9.59
N SER A 255 16.21 14.15 -10.82
CA SER A 255 16.37 15.08 -11.95
C SER A 255 15.17 16.00 -12.16
N GLY A 256 13.96 15.57 -11.81
CA GLY A 256 12.81 16.40 -12.12
C GLY A 256 12.27 16.24 -13.53
N LYS A 257 12.60 15.11 -14.20
CA LYS A 257 12.16 14.83 -15.56
C LYS A 257 11.33 13.57 -15.53
N VAL A 258 10.20 13.58 -16.24
CA VAL A 258 9.38 12.38 -16.45
C VAL A 258 8.85 12.44 -17.86
N ARG A 259 8.85 11.31 -18.55
CA ARG A 259 8.27 11.19 -19.88
C ARG A 259 7.12 10.22 -19.79
N PHE A 260 6.11 10.42 -20.64
CA PHE A 260 4.84 9.67 -20.62
C PHE A 260 4.63 8.90 -21.91
N PRO A 261 4.02 7.70 -21.84
CA PRO A 261 3.56 7.01 -23.06
C PRO A 261 2.61 7.88 -23.85
N SER A 262 2.61 7.68 -25.18
CA SER A 262 1.75 8.51 -26.02
C SER A 262 0.26 8.20 -25.82
N HIS A 263 -0.08 7.07 -25.20
CA HIS A 263 -1.47 6.79 -24.96
C HIS A 263 -2.00 7.40 -23.67
N PHE A 264 -1.14 7.96 -22.82
CA PHE A 264 -1.70 8.63 -21.63
C PHE A 264 -2.56 9.83 -22.05
N SER A 265 -3.76 9.94 -21.46
CA SER A 265 -4.58 11.15 -21.64
C SER A 265 -3.87 12.38 -21.09
N SER A 266 -4.26 13.57 -21.59
CA SER A 266 -3.63 14.78 -21.03
C SER A 266 -4.04 14.99 -19.59
N ASP A 267 -5.28 14.63 -19.25
CA ASP A 267 -5.66 14.75 -17.84
C ASP A 267 -4.79 13.89 -16.96
N LEU A 268 -4.49 12.67 -17.39
CA LEU A 268 -3.61 11.84 -16.59
C LEU A 268 -2.21 12.46 -16.46
N LYS A 269 -1.63 12.94 -17.59
CA LYS A 269 -0.31 13.55 -17.48
C LYS A 269 -0.31 14.74 -16.56
N ASP A 270 -1.40 15.53 -16.59
CA ASP A 270 -1.42 16.72 -15.73
C ASP A 270 -1.42 16.29 -14.27
N LEU A 271 -2.25 15.29 -13.93
CA LEU A 271 -2.26 14.84 -12.55
C LEU A 271 -0.88 14.33 -12.14
N LEU A 272 -0.27 13.53 -13.02
CA LEU A 272 1.03 12.93 -12.66
C LEU A 272 2.13 13.97 -12.55
N ARG A 273 2.10 15.04 -13.39
CA ARG A 273 3.12 16.06 -13.22
C ARG A 273 2.98 16.76 -11.87
N ASN A 274 1.75 16.83 -11.34
CA ASN A 274 1.57 17.47 -10.06
C ASN A 274 1.82 16.54 -8.89
N LEU A 275 1.77 15.22 -9.09
CA LEU A 275 2.16 14.31 -7.99
C LEU A 275 3.66 14.08 -7.98
N LEU A 276 4.22 13.87 -9.18
CA LEU A 276 5.65 13.59 -9.34
C LEU A 276 6.41 14.89 -9.45
N GLN A 277 6.09 15.77 -8.50
CA GLN A 277 6.61 17.13 -8.42
C GLN A 277 7.74 17.16 -7.39
N VAL A 278 8.99 17.42 -7.84
CA VAL A 278 10.10 17.47 -6.87
C VAL A 278 9.97 18.61 -5.87
N ASP A 279 9.33 19.74 -6.26
CA ASP A 279 9.24 20.90 -5.38
C ASP A 279 8.09 20.70 -4.40
N LEU A 280 8.39 20.53 -3.10
CA LEU A 280 7.31 20.27 -2.14
C LEU A 280 6.35 21.44 -1.97
N THR A 281 6.74 22.65 -2.34
CA THR A 281 5.76 23.74 -2.29
C THR A 281 4.71 23.62 -3.40
N LYS A 282 4.89 22.69 -4.35
CA LYS A 282 4.00 22.57 -5.48
C LYS A 282 3.33 21.21 -5.58
N ARG A 283 3.72 20.24 -4.77
CA ARG A 283 3.27 18.88 -4.99
C ARG A 283 1.83 18.71 -4.48
N PHE A 284 0.96 18.11 -5.29
CA PHE A 284 -0.40 17.86 -4.88
C PHE A 284 -0.44 16.87 -3.72
N GLY A 285 -1.38 17.16 -2.80
CA GLY A 285 -1.43 16.48 -1.55
C GLY A 285 -0.71 17.24 -0.47
N ASN A 286 0.15 18.17 -0.85
CA ASN A 286 0.99 18.89 0.10
C ASN A 286 0.65 20.37 0.17
N LEU A 287 -0.48 20.80 -0.39
CA LEU A 287 -0.78 22.23 -0.50
C LEU A 287 -1.93 22.59 0.45
N LYS A 288 -2.32 23.88 0.37
CA LYS A 288 -3.35 24.40 1.26
C LYS A 288 -4.62 23.56 1.20
N ASN A 289 -4.99 23.05 0.02
CA ASN A 289 -6.21 22.27 -0.15
C ASN A 289 -6.03 20.78 0.07
N GLY A 290 -4.82 20.36 0.44
CA GLY A 290 -4.59 18.98 0.90
C GLY A 290 -5.02 17.97 -0.16
N VAL A 291 -5.69 16.92 0.28
CA VAL A 291 -6.04 15.83 -0.63
C VAL A 291 -7.06 16.28 -1.68
N ASN A 292 -7.79 17.39 -1.45
CA ASN A 292 -8.81 17.79 -2.40
C ASN A 292 -8.24 18.26 -3.73
N ASP A 293 -6.97 18.69 -3.76
CA ASP A 293 -6.38 18.98 -5.07
C ASP A 293 -6.32 17.73 -5.91
N ILE A 294 -6.21 16.57 -5.27
CA ILE A 294 -6.21 15.30 -5.99
C ILE A 294 -7.64 14.85 -6.27
N LYS A 295 -8.48 14.84 -5.25
CA LYS A 295 -9.83 14.30 -5.43
C LYS A 295 -10.65 15.10 -6.43
N ASN A 296 -10.41 16.41 -6.53
CA ASN A 296 -11.14 17.25 -7.45
C ASN A 296 -10.43 17.44 -8.78
N HIS A 297 -9.33 16.72 -9.02
CA HIS A 297 -8.67 16.82 -10.33
C HIS A 297 -9.51 16.21 -11.43
N LYS A 298 -9.41 16.79 -12.64
CA LYS A 298 -10.22 16.32 -13.77
C LYS A 298 -10.06 14.84 -14.04
N TRP A 299 -8.87 14.27 -13.77
CA TRP A 299 -8.77 12.83 -14.07
C TRP A 299 -9.73 12.00 -13.22
N PHE A 300 -10.12 12.51 -12.06
CA PHE A 300 -11.04 11.81 -11.16
C PHE A 300 -12.46 12.34 -11.29
N ALA A 301 -12.77 13.07 -12.37
CA ALA A 301 -14.09 13.70 -12.46
C ALA A 301 -15.23 12.69 -12.45
N THR A 302 -15.02 11.50 -13.05
CA THR A 302 -16.02 10.43 -13.06
C THR A 302 -16.07 9.61 -11.76
N THR A 303 -15.20 9.88 -10.80
CA THR A 303 -15.08 9.06 -9.59
C THR A 303 -16.10 9.47 -8.55
N ASP A 304 -16.91 8.53 -8.11
CA ASP A 304 -17.86 8.76 -7.04
C ASP A 304 -17.15 8.27 -5.78
N TRP A 305 -16.54 9.22 -5.02
CA TRP A 305 -15.72 8.86 -3.87
C TRP A 305 -16.51 8.11 -2.82
N ILE A 306 -17.75 8.54 -2.51
CA ILE A 306 -18.50 7.81 -1.49
C ILE A 306 -18.87 6.41 -2.00
N ALA A 307 -19.25 6.30 -3.28
CA ALA A 307 -19.60 4.97 -3.81
C ALA A 307 -18.40 4.01 -3.81
N ILE A 308 -17.20 4.51 -4.04
CA ILE A 308 -16.00 3.65 -3.90
C ILE A 308 -15.84 3.20 -2.46
N TYR A 309 -15.88 4.16 -1.51
CA TYR A 309 -15.76 3.81 -0.09
C TYR A 309 -16.80 2.77 0.33
N GLN A 310 -18.05 2.93 -0.16
CA GLN A 310 -19.11 2.01 0.22
C GLN A 310 -19.09 0.75 -0.62
N ARG A 311 -18.11 0.60 -1.51
CA ARG A 311 -17.94 -0.59 -2.36
C ARG A 311 -19.16 -0.83 -3.23
N LYS A 312 -19.77 0.24 -3.74
CA LYS A 312 -20.95 0.13 -4.60
C LYS A 312 -20.58 0.08 -6.08
N VAL A 313 -19.31 0.36 -6.44
CA VAL A 313 -18.89 0.46 -7.84
C VAL A 313 -18.51 -0.94 -8.33
N GLU A 314 -18.94 -1.29 -9.55
CA GLU A 314 -18.54 -2.58 -10.09
C GLU A 314 -17.06 -2.58 -10.46
N ALA A 315 -16.31 -3.60 -9.96
CA ALA A 315 -14.87 -3.63 -10.16
C ALA A 315 -14.51 -4.05 -11.60
N PRO A 316 -13.37 -3.57 -12.09
CA PRO A 316 -12.92 -3.93 -13.46
C PRO A 316 -12.70 -5.42 -13.65
N PHE A 317 -12.28 -6.13 -12.63
CA PHE A 317 -12.32 -7.58 -12.74
C PHE A 317 -12.29 -8.20 -11.36
N ILE A 318 -12.80 -9.41 -11.32
CA ILE A 318 -12.94 -10.17 -10.09
C ILE A 318 -12.09 -11.42 -10.28
N PRO A 319 -11.09 -11.66 -9.43
CA PRO A 319 -10.26 -12.87 -9.59
C PRO A 319 -11.08 -14.13 -9.40
N LYS A 320 -10.66 -15.20 -10.06
CA LYS A 320 -11.41 -16.44 -9.89
C LYS A 320 -10.92 -17.16 -8.65
N PHE A 321 -11.84 -17.86 -8.00
CA PHE A 321 -11.51 -18.57 -6.77
C PHE A 321 -12.21 -19.91 -6.83
N LYS A 322 -11.49 -20.97 -6.52
CA LYS A 322 -12.05 -22.30 -6.61
C LYS A 322 -12.64 -22.76 -5.29
N GLY A 323 -12.37 -22.03 -4.20
CA GLY A 323 -12.89 -22.38 -2.91
C GLY A 323 -12.00 -21.85 -1.81
N PRO A 324 -12.35 -22.17 -0.56
CA PRO A 324 -11.54 -21.72 0.57
C PRO A 324 -10.11 -22.27 0.48
N GLY A 325 -9.14 -21.40 0.78
CA GLY A 325 -7.75 -21.83 0.80
C GLY A 325 -7.10 -21.91 -0.55
N ASP A 326 -7.82 -21.57 -1.60
CA ASP A 326 -7.27 -21.52 -2.97
C ASP A 326 -6.08 -20.54 -3.01
N THR A 327 -4.92 -21.01 -3.49
CA THR A 327 -3.74 -20.16 -3.66
C THR A 327 -3.39 -19.96 -5.13
N SER A 328 -4.33 -20.25 -6.05
CA SER A 328 -4.01 -20.23 -7.47
C SER A 328 -3.62 -18.85 -7.98
N ASN A 329 -4.01 -17.79 -7.29
CA ASN A 329 -3.70 -16.44 -7.78
C ASN A 329 -2.36 -15.92 -7.30
N PHE A 330 -1.59 -16.72 -6.57
CA PHE A 330 -0.29 -16.36 -6.07
C PHE A 330 0.79 -17.16 -6.79
N ASP A 331 1.97 -16.54 -6.87
CA ASP A 331 3.13 -17.26 -7.38
C ASP A 331 3.70 -18.21 -6.33
N ASP A 332 4.60 -19.08 -6.80
CA ASP A 332 5.23 -20.07 -5.92
C ASP A 332 6.56 -19.56 -5.38
N TYR A 333 6.92 -20.05 -4.19
CA TYR A 333 8.13 -19.68 -3.50
C TYR A 333 8.75 -20.92 -2.89
N GLU A 334 10.07 -20.86 -2.68
CA GLU A 334 10.76 -21.92 -1.96
C GLU A 334 10.27 -22.01 -0.53
N GLU A 335 9.97 -23.23 -0.07
CA GLU A 335 9.46 -23.46 1.27
C GLU A 335 10.63 -23.77 2.20
N GLU A 336 10.66 -23.10 3.36
CA GLU A 336 11.77 -23.27 4.30
C GLU A 336 11.28 -23.87 5.61
N GLY B 4 15.11 -1.77 -17.11
CA GLY B 4 14.62 -1.68 -15.75
C GLY B 4 14.19 -3.00 -15.13
N ARG B 5 13.90 -2.99 -13.83
CA ARG B 5 13.67 -4.23 -13.09
C ARG B 5 12.22 -4.64 -13.25
N THR B 6 11.99 -5.85 -13.75
CA THR B 6 10.63 -6.25 -14.09
C THR B 6 10.03 -7.18 -13.05
N GLY B 7 10.86 -7.76 -12.15
CA GLY B 7 10.36 -8.69 -11.15
C GLY B 7 10.00 -7.95 -9.85
N ARG B 8 9.61 -8.72 -8.84
CA ARG B 8 9.23 -8.08 -7.59
C ARG B 8 10.43 -7.32 -7.01
N ARG B 9 10.12 -6.19 -6.39
CA ARG B 9 11.11 -5.25 -5.88
C ARG B 9 11.15 -5.29 -4.35
N GLN B 10 12.35 -5.44 -3.82
CA GLN B 10 12.59 -5.52 -2.38
C GLN B 10 12.72 -4.11 -1.79
N ALA B 11 12.09 -3.91 -0.63
CA ALA B 11 12.25 -2.62 0.01
C ALA B 11 13.64 -2.55 0.65
N ILE B 12 14.08 -1.34 0.95
CA ILE B 12 15.41 -1.11 1.51
C ILE B 12 15.16 -0.49 2.89
N HIS B 13 15.86 -0.97 3.92
CA HIS B 13 15.49 -0.54 5.28
C HIS B 13 16.38 0.56 5.83
N ASP B 14 17.62 0.67 5.33
CA ASP B 14 18.51 1.79 5.62
C ASP B 14 19.17 2.25 4.31
N ILE B 15 20.37 2.83 4.39
CA ILE B 15 20.93 3.56 3.25
C ILE B 15 21.14 2.65 2.03
#